data_5E2I
#
_entry.id   5E2I
#
_cell.length_a   112.609
_cell.length_b   112.609
_cell.length_c   136.871
_cell.angle_alpha   90.00
_cell.angle_beta   90.00
_cell.angle_gamma   120.00
#
_symmetry.space_group_name_H-M   'P 31 2 1'
#
loop_
_entity.id
_entity.type
_entity.pdbx_description
1 polymer Acetylcholinesterase
2 non-polymer 2-acetamido-2-deoxy-beta-D-glucopyranose
3 non-polymer DI(HYDROXYETHYL)ETHER
4 non-polymer 'DECAMETHONIUM ION'
5 water water
#
_entity_poly.entity_id   1
_entity_poly.type   'polypeptide(L)'
_entity_poly.pdbx_seq_one_letter_code
;SELLVNTKSGKVMGTRVPVLSSHISAFLGIPFAEPPVGNMRFRRPEPKKPWSGVWNASTYPNNCQQYVDEQFPGFSGSEM
WNPNREMSEDCLYLNIWVPSPRPKSTTVMVWIYGGGFYSGSSTLDVYNGKYLAYTEEVVLVSLSYRVGAFGFLALHGSQE
APGNVGLLDQRMALQWVHDNIQFFGGDPKTVTIFGESAGGASVGMHILSPGSRDLFRRAILQSGSPNCPWASVSVAEGRR
RAVELGRNLNCNLNSDEELIHCLREKKPQELIDVEWNVLPFDSIFRFSFVPVIDGEFFPTSLESMLNSGNFKKTQILLGV
NKDEGSFFLLYGAPGFSKDSESKISREDFMSGVKLSVPHANDLGLDAVTLQYTDWMDDNNGIKNRDGLDDIVGDHNVICP
LMHFVNKYTKFGNGTYLYFFNHRASNLVWPEWMGVIHGYEIEFVFGLPLVKELNYTAEEEALSRRIMHYWATFAKTGNPN
EPHSQESKWPLFTTKEQKFIDLNTEPMKVHQRLRVQMCVFWNQFLPKLLNAT
;
_entity_poly.pdbx_strand_id   A
#
loop_
_chem_comp.id
_chem_comp.type
_chem_comp.name
_chem_comp.formula
DME non-polymer 'DECAMETHONIUM ION' 'C16 H38 N2 2'
NAG D-saccharide, beta linking 2-acetamido-2-deoxy-beta-D-glucopyranose 'C8 H15 N O6'
PEG non-polymer DI(HYDROXYETHYL)ETHER 'C4 H10 O3'
#
# COMPACT_ATOMS: atom_id res chain seq x y z
N SER A 1 -25.22 -22.50 13.28
CA SER A 1 -25.40 -21.12 12.77
C SER A 1 -24.28 -20.73 11.79
N GLU A 2 -24.67 -20.10 10.68
CA GLU A 2 -23.75 -19.66 9.65
C GLU A 2 -22.89 -18.48 10.11
N LEU A 3 -23.42 -17.73 11.07
CA LEU A 3 -22.72 -16.58 11.65
C LEU A 3 -21.84 -16.95 12.84
N LEU A 4 -21.90 -18.20 13.30
CA LEU A 4 -21.07 -18.65 14.40
C LEU A 4 -19.97 -19.56 13.88
N VAL A 5 -18.72 -19.19 14.16
CA VAL A 5 -17.56 -19.92 13.71
C VAL A 5 -16.62 -20.15 14.87
N ASN A 6 -16.16 -21.37 15.04
CA ASN A 6 -15.26 -21.72 16.12
C ASN A 6 -13.81 -21.75 15.64
N THR A 7 -12.97 -20.86 16.18
CA THR A 7 -11.57 -20.76 15.77
C THR A 7 -10.62 -21.26 16.85
N LYS A 8 -9.34 -21.37 16.49
CA LYS A 8 -8.31 -21.78 17.45
C LYS A 8 -8.14 -20.75 18.56
N SER A 9 -8.46 -19.49 18.26
CA SER A 9 -8.45 -18.42 19.26
C SER A 9 -9.75 -18.36 20.08
N GLY A 10 -10.81 -19.01 19.60
CA GLY A 10 -12.11 -19.02 20.28
C GLY A 10 -13.26 -18.85 19.31
N LYS A 11 -14.48 -18.92 19.83
CA LYS A 11 -15.67 -18.71 19.00
C LYS A 11 -15.86 -17.23 18.65
N VAL A 12 -16.34 -16.97 17.44
CA VAL A 12 -16.70 -15.62 17.00
C VAL A 12 -18.09 -15.61 16.36
N MET A 13 -18.82 -14.51 16.52
CA MET A 13 -20.17 -14.36 15.97
C MET A 13 -20.18 -13.18 14.99
N GLY A 14 -20.46 -13.49 13.72
CA GLY A 14 -20.56 -12.47 12.69
C GLY A 14 -21.94 -11.88 12.54
N THR A 15 -22.13 -11.16 11.44
CA THR A 15 -23.39 -10.49 11.13
C THR A 15 -23.71 -10.68 9.65
N ARG A 16 -24.99 -10.86 9.34
CA ARG A 16 -25.45 -11.00 7.97
C ARG A 16 -25.55 -9.61 7.34
N VAL A 17 -24.80 -9.36 6.27
CA VAL A 17 -24.86 -8.05 5.61
C VAL A 17 -25.43 -8.15 4.20
N PRO A 18 -26.17 -7.11 3.77
CA PRO A 18 -26.70 -7.09 2.42
C PRO A 18 -25.67 -6.64 1.39
N VAL A 19 -25.76 -7.20 0.19
CA VAL A 19 -24.89 -6.81 -0.93
C VAL A 19 -25.57 -7.09 -2.28
N LEU A 20 -25.76 -6.04 -3.08
CA LEU A 20 -26.36 -6.14 -4.42
C LEU A 20 -27.62 -7.04 -4.47
N SER A 21 -28.62 -6.67 -3.68
CA SER A 21 -29.89 -7.42 -3.58
C SER A 21 -29.71 -8.89 -3.17
N SER A 22 -28.66 -9.15 -2.41
CA SER A 22 -28.37 -10.47 -1.87
C SER A 22 -27.69 -10.25 -0.52
N HIS A 23 -27.23 -11.33 0.11
CA HIS A 23 -26.60 -11.20 1.43
C HIS A 23 -25.39 -12.12 1.52
N ILE A 24 -24.42 -11.74 2.35
CA ILE A 24 -23.35 -12.63 2.77
C ILE A 24 -23.00 -12.39 4.24
N SER A 25 -22.07 -13.19 4.77
CA SER A 25 -21.68 -13.11 6.16
C SER A 25 -20.43 -12.25 6.33
N ALA A 26 -20.39 -11.49 7.42
CA ALA A 26 -19.25 -10.64 7.74
C ALA A 26 -18.83 -10.82 9.19
N PHE A 27 -17.54 -10.98 9.38
CA PHE A 27 -16.94 -11.14 10.71
C PHE A 27 -15.96 -10.00 10.89
N LEU A 28 -16.41 -8.96 11.57
CA LEU A 28 -15.66 -7.72 11.67
C LEU A 28 -15.04 -7.56 13.05
N GLY A 29 -13.83 -7.01 13.08
CA GLY A 29 -13.17 -6.70 14.34
C GLY A 29 -12.67 -7.91 15.11
N ILE A 30 -12.15 -8.91 14.41
CA ILE A 30 -11.64 -10.11 15.07
C ILE A 30 -10.21 -9.85 15.49
N PRO A 31 -9.90 -9.99 16.80
CA PRO A 31 -8.53 -9.74 17.26
C PRO A 31 -7.55 -10.83 16.85
N PHE A 32 -6.34 -10.43 16.44
CA PHE A 32 -5.28 -11.39 16.10
C PHE A 32 -4.00 -11.15 16.89
N ALA A 33 -4.01 -10.18 17.80
CA ALA A 33 -2.86 -9.85 18.61
C ALA A 33 -3.28 -9.30 19.96
N GLU A 34 -2.40 -9.36 20.94
CA GLU A 34 -2.63 -8.62 22.17
C GLU A 34 -2.63 -7.12 21.86
N PRO A 35 -3.53 -6.34 22.50
CA PRO A 35 -3.46 -4.90 22.39
C PRO A 35 -2.05 -4.40 22.73
N PRO A 36 -1.33 -3.84 21.75
CA PRO A 36 0.05 -3.42 22.01
C PRO A 36 0.10 -2.07 22.72
N VAL A 37 -0.25 -2.07 24.00
CA VAL A 37 -0.44 -0.85 24.77
C VAL A 37 0.49 -0.84 25.98
N GLY A 38 0.63 0.34 26.58
CA GLY A 38 1.46 0.50 27.78
C GLY A 38 2.90 0.15 27.47
N ASN A 39 3.48 -0.75 28.26
CA ASN A 39 4.87 -1.16 28.07
C ASN A 39 5.11 -1.89 26.73
N MET A 40 4.03 -2.34 26.08
CA MET A 40 4.12 -2.99 24.78
C MET A 40 4.20 -2.04 23.56
N ARG A 41 4.09 -0.73 23.80
CA ARG A 41 4.20 0.24 22.70
C ARG A 41 5.59 0.13 22.09
N PHE A 42 5.63 0.02 20.76
CA PHE A 42 6.85 -0.17 19.98
C PHE A 42 7.40 -1.59 19.96
N ARG A 43 6.88 -2.48 20.80
CA ARG A 43 7.35 -3.87 20.84
C ARG A 43 6.75 -4.70 19.71
N ARG A 44 7.32 -5.88 19.51
CA ARG A 44 6.75 -6.88 18.62
C ARG A 44 5.36 -7.26 19.11
N PRO A 45 4.47 -7.63 18.17
CA PRO A 45 3.15 -8.07 18.58
C PRO A 45 3.18 -9.47 19.20
N GLU A 46 2.33 -9.67 20.21
CA GLU A 46 2.12 -10.99 20.80
C GLU A 46 0.85 -11.60 20.22
N PRO A 47 0.80 -12.95 20.07
CA PRO A 47 -0.47 -13.55 19.65
C PRO A 47 -1.58 -13.30 20.67
N LYS A 48 -2.79 -13.09 20.18
CA LYS A 48 -3.95 -12.86 21.04
C LYS A 48 -4.20 -14.04 21.94
N LYS A 49 -4.35 -13.79 23.24
CA LYS A 49 -4.69 -14.85 24.19
C LYS A 49 -6.08 -15.41 23.86
N PRO A 50 -6.19 -16.74 23.68
CA PRO A 50 -7.48 -17.36 23.42
C PRO A 50 -8.56 -16.94 24.43
N TRP A 51 -9.79 -16.81 23.98
CA TRP A 51 -10.88 -16.35 24.84
C TRP A 51 -11.98 -17.40 24.89
N SER A 52 -12.73 -17.43 26.00
CA SER A 52 -13.89 -18.29 26.11
C SER A 52 -15.14 -17.46 25.84
N GLY A 53 -16.25 -18.15 25.57
CA GLY A 53 -17.47 -17.49 25.14
C GLY A 53 -17.37 -17.03 23.71
N VAL A 54 -18.30 -16.17 23.31
CA VAL A 54 -18.46 -15.76 21.92
C VAL A 54 -17.98 -14.33 21.74
N TRP A 55 -17.10 -14.11 20.77
CA TRP A 55 -16.61 -12.77 20.48
C TRP A 55 -17.56 -12.12 19.48
N ASN A 56 -18.09 -10.95 19.84
CA ASN A 56 -18.99 -10.21 18.97
C ASN A 56 -18.20 -9.60 17.82
N ALA A 57 -18.44 -10.10 16.61
CA ALA A 57 -17.76 -9.61 15.43
C ALA A 57 -18.76 -9.03 14.45
N SER A 58 -19.64 -8.17 14.96
CA SER A 58 -20.71 -7.59 14.14
C SER A 58 -20.45 -6.14 13.75
N THR A 59 -19.40 -5.53 14.30
CA THR A 59 -19.09 -4.14 13.97
C THR A 59 -17.59 -3.95 13.76
N TYR A 60 -17.24 -2.99 12.93
CA TYR A 60 -15.84 -2.68 12.65
C TYR A 60 -15.09 -2.34 13.93
N PRO A 61 -13.78 -2.57 13.93
CA PRO A 61 -12.96 -2.24 15.09
C PRO A 61 -12.53 -0.79 15.09
N ASN A 62 -11.81 -0.39 16.12
CA ASN A 62 -11.11 0.89 16.13
C ASN A 62 -10.01 0.90 15.07
N ASN A 63 -9.66 2.10 14.59
CA ASN A 63 -8.50 2.26 13.71
C ASN A 63 -7.25 2.59 14.52
N CYS A 64 -6.08 2.29 13.95
CA CYS A 64 -4.82 2.61 14.61
C CYS A 64 -4.61 4.13 14.68
N GLN A 65 -3.98 4.57 15.76
CA GLN A 65 -3.62 5.98 15.96
C GLN A 65 -2.74 6.47 14.82
N GLN A 66 -3.07 7.64 14.30
CA GLN A 66 -2.42 8.15 13.12
C GLN A 66 -2.70 9.63 12.90
N TYR A 67 -1.84 10.25 12.10
CA TYR A 67 -2.08 11.57 11.55
C TYR A 67 -3.37 11.57 10.76
N VAL A 68 -4.18 12.60 10.95
CA VAL A 68 -5.43 12.79 10.22
C VAL A 68 -5.28 13.98 9.27
N ASP A 69 -5.44 13.73 7.99
CA ASP A 69 -5.43 14.77 6.97
C ASP A 69 -6.63 15.72 7.14
N GLU A 70 -6.36 16.94 7.58
CA GLU A 70 -7.38 18.00 7.66
C GLU A 70 -7.06 19.13 6.68
N GLN A 71 -6.35 18.82 5.61
CA GLN A 71 -6.03 19.82 4.60
C GLN A 71 -7.27 20.37 3.90
N PHE A 72 -8.29 19.53 3.72
CA PHE A 72 -9.54 19.95 3.08
C PHE A 72 -10.74 19.52 3.93
N PRO A 73 -10.97 20.22 5.06
CA PRO A 73 -12.05 19.83 5.98
C PRO A 73 -13.40 19.78 5.28
N GLY A 74 -14.12 18.68 5.45
CA GLY A 74 -15.41 18.48 4.81
C GLY A 74 -15.38 18.07 3.34
N PHE A 75 -14.21 17.76 2.80
CA PHE A 75 -14.06 17.39 1.41
C PHE A 75 -13.93 15.88 1.30
N SER A 76 -14.88 15.25 0.63
CA SER A 76 -14.96 13.78 0.58
C SER A 76 -13.76 13.16 -0.12
N GLY A 77 -13.21 13.88 -1.10
CA GLY A 77 -12.00 13.40 -1.79
C GLY A 77 -10.87 13.00 -0.84
N SER A 78 -10.68 13.79 0.21
CA SER A 78 -9.63 13.55 1.18
C SER A 78 -10.14 12.79 2.40
N GLU A 79 -11.35 13.11 2.83
CA GLU A 79 -11.90 12.56 4.07
C GLU A 79 -12.24 11.07 3.95
N MET A 80 -12.49 10.59 2.73
CA MET A 80 -12.73 9.16 2.52
C MET A 80 -11.54 8.28 2.87
N TRP A 81 -10.34 8.87 2.96
CA TRP A 81 -9.14 8.14 3.37
C TRP A 81 -8.86 8.24 4.87
N ASN A 82 -9.51 9.17 5.56
CA ASN A 82 -9.32 9.31 7.01
C ASN A 82 -9.97 8.18 7.80
N PRO A 83 -9.52 7.96 9.04
CA PRO A 83 -10.19 7.06 9.95
C PRO A 83 -11.68 7.37 10.11
N ASN A 84 -12.51 6.34 9.98
CA ASN A 84 -13.95 6.44 10.12
C ASN A 84 -14.45 5.77 11.40
N ARG A 85 -13.51 5.38 12.25
CA ARG A 85 -13.81 4.85 13.57
C ARG A 85 -12.94 5.59 14.59
N GLU A 86 -13.19 5.36 15.87
CA GLU A 86 -12.33 5.91 16.92
C GLU A 86 -10.92 5.38 16.74
N MET A 87 -9.94 6.25 16.98
CA MET A 87 -8.55 5.83 16.96
C MET A 87 -8.17 5.29 18.34
N SER A 88 -7.29 4.30 18.34
CA SER A 88 -6.83 3.68 19.56
C SER A 88 -5.64 2.81 19.25
N GLU A 89 -4.74 2.66 20.23
CA GLU A 89 -3.60 1.78 20.08
C GLU A 89 -4.06 0.33 20.09
N ASP A 90 -5.18 0.08 20.75
CA ASP A 90 -5.86 -1.20 20.66
C ASP A 90 -6.57 -1.24 19.31
N CYS A 91 -5.80 -1.58 18.27
CA CYS A 91 -6.28 -1.54 16.88
C CYS A 91 -5.93 -2.76 16.03
N LEU A 92 -5.38 -3.81 16.64
CA LEU A 92 -4.90 -4.98 15.89
C LEU A 92 -6.01 -6.01 15.71
N TYR A 93 -6.84 -5.77 14.70
CA TYR A 93 -8.00 -6.60 14.40
C TYR A 93 -8.05 -6.86 12.90
N LEU A 94 -8.77 -7.88 12.49
CA LEU A 94 -9.02 -8.13 11.07
C LEU A 94 -10.49 -8.34 10.79
N ASN A 95 -10.85 -8.28 9.51
CA ASN A 95 -12.23 -8.39 9.05
C ASN A 95 -12.33 -9.43 7.96
N ILE A 96 -13.41 -10.19 7.94
CA ILE A 96 -13.58 -11.26 6.96
C ILE A 96 -14.97 -11.26 6.34
N TRP A 97 -15.03 -11.20 5.02
CA TRP A 97 -16.30 -11.37 4.32
C TRP A 97 -16.38 -12.77 3.75
N VAL A 98 -17.46 -13.48 4.09
CA VAL A 98 -17.63 -14.89 3.69
C VAL A 98 -18.93 -15.10 2.90
N PRO A 99 -18.84 -15.71 1.70
CA PRO A 99 -20.03 -16.02 0.91
C PRO A 99 -21.06 -16.87 1.63
N SER A 100 -22.31 -16.76 1.19
CA SER A 100 -23.44 -17.48 1.77
C SER A 100 -24.13 -18.27 0.66
N PRO A 101 -24.30 -19.59 0.83
CA PRO A 101 -23.80 -20.33 1.98
C PRO A 101 -22.28 -20.33 2.07
N ARG A 102 -21.76 -20.60 3.26
CA ARG A 102 -20.33 -20.71 3.50
C ARG A 102 -19.74 -21.77 2.58
N PRO A 103 -18.63 -21.44 1.90
CA PRO A 103 -17.98 -22.43 1.06
C PRO A 103 -17.16 -23.41 1.89
N LYS A 104 -16.56 -24.40 1.24
CA LYS A 104 -15.80 -25.43 1.94
C LYS A 104 -14.32 -25.11 1.97
N SER A 105 -13.76 -24.74 0.83
CA SER A 105 -12.33 -24.49 0.73
C SER A 105 -12.02 -23.64 -0.50
N THR A 106 -12.30 -22.34 -0.41
CA THR A 106 -12.21 -21.44 -1.57
C THR A 106 -11.07 -20.41 -1.46
N THR A 107 -10.81 -19.70 -2.55
CA THR A 107 -9.68 -18.78 -2.60
C THR A 107 -9.83 -17.61 -1.63
N VAL A 108 -8.73 -17.33 -0.93
CA VAL A 108 -8.68 -16.26 0.06
C VAL A 108 -7.86 -15.09 -0.48
N MET A 109 -8.33 -13.88 -0.24
CA MET A 109 -7.58 -12.68 -0.57
C MET A 109 -7.47 -11.83 0.68
N VAL A 110 -6.25 -11.42 1.01
CA VAL A 110 -5.98 -10.61 2.20
C VAL A 110 -5.51 -9.23 1.77
N TRP A 111 -6.29 -8.22 2.13
CA TRP A 111 -6.01 -6.83 1.78
C TRP A 111 -5.13 -6.17 2.83
N ILE A 112 -4.08 -5.52 2.37
CA ILE A 112 -3.19 -4.73 3.22
C ILE A 112 -3.25 -3.26 2.77
N TYR A 113 -3.87 -2.42 3.59
CA TYR A 113 -4.02 -1.00 3.23
C TYR A 113 -2.70 -0.25 3.15
N GLY A 114 -2.71 0.82 2.37
CA GLY A 114 -1.59 1.75 2.31
C GLY A 114 -1.87 2.98 3.14
N GLY A 115 -1.07 4.02 2.90
CA GLY A 115 -1.15 5.29 3.61
C GLY A 115 0.21 5.73 4.11
N GLY A 116 1.25 5.52 3.29
CA GLY A 116 2.62 5.96 3.57
C GLY A 116 3.28 5.39 4.82
N PHE A 117 2.72 4.32 5.36
CA PHE A 117 3.16 3.73 6.64
C PHE A 117 2.89 4.66 7.82
N TYR A 118 2.22 5.79 7.58
CA TYR A 118 1.89 6.77 8.62
C TYR A 118 0.37 6.85 8.88
N SER A 119 -0.43 6.20 8.03
CA SER A 119 -1.88 6.27 8.11
C SER A 119 -2.48 5.04 7.44
N GLY A 120 -3.80 4.91 7.55
CA GLY A 120 -4.54 3.79 6.94
C GLY A 120 -5.55 3.13 7.87
N SER A 121 -6.62 2.59 7.28
CA SER A 121 -7.66 1.89 8.03
C SER A 121 -8.18 0.69 7.24
N SER A 122 -8.53 -0.39 7.94
CA SER A 122 -9.14 -1.54 7.29
C SER A 122 -10.61 -1.31 6.99
N THR A 123 -11.17 -0.23 7.53
CA THR A 123 -12.61 -0.03 7.68
C THR A 123 -13.22 1.00 6.72
N LEU A 124 -12.44 1.48 5.74
CA LEU A 124 -12.92 2.51 4.84
C LEU A 124 -14.02 1.97 3.96
N ASP A 125 -14.94 2.85 3.56
CA ASP A 125 -16.01 2.46 2.63
C ASP A 125 -15.42 1.76 1.41
N VAL A 126 -14.31 2.30 0.93
CA VAL A 126 -13.70 1.86 -0.31
C VAL A 126 -12.96 0.51 -0.19
N TYR A 127 -12.71 0.03 1.04
CA TYR A 127 -12.08 -1.27 1.28
C TYR A 127 -13.09 -2.36 1.73
N ASN A 128 -14.39 -2.06 1.71
CA ASN A 128 -15.42 -3.04 2.07
C ASN A 128 -15.38 -4.20 1.10
N GLY A 129 -15.02 -5.37 1.59
CA GLY A 129 -14.79 -6.55 0.74
C GLY A 129 -16.01 -7.34 0.29
N LYS A 130 -17.21 -6.93 0.72
CA LYS A 130 -18.43 -7.70 0.43
C LYS A 130 -18.73 -7.88 -1.06
N TYR A 131 -18.44 -6.86 -1.86
CA TYR A 131 -18.75 -6.91 -3.30
C TYR A 131 -17.84 -7.91 -4.00
N LEU A 132 -16.58 -7.94 -3.58
CA LEU A 132 -15.59 -8.83 -4.18
C LEU A 132 -15.87 -10.26 -3.76
N ALA A 133 -16.14 -10.46 -2.46
CA ALA A 133 -16.46 -11.76 -1.92
C ALA A 133 -17.71 -12.35 -2.58
N TYR A 134 -18.74 -11.52 -2.71
CA TYR A 134 -19.99 -11.96 -3.32
C TYR A 134 -19.80 -12.24 -4.82
N THR A 135 -19.21 -11.29 -5.53
CA THR A 135 -19.13 -11.39 -6.99
C THR A 135 -18.22 -12.50 -7.46
N GLU A 136 -17.08 -12.67 -6.80
CA GLU A 136 -16.06 -13.62 -7.26
C GLU A 136 -15.99 -14.90 -6.41
N GLU A 137 -16.81 -14.99 -5.37
CA GLU A 137 -16.86 -16.17 -4.51
C GLU A 137 -15.47 -16.42 -3.89
N VAL A 138 -14.96 -15.39 -3.22
CA VAL A 138 -13.74 -15.49 -2.45
C VAL A 138 -14.01 -15.09 -1.01
N VAL A 139 -13.15 -15.58 -0.12
CA VAL A 139 -13.12 -15.11 1.25
C VAL A 139 -12.20 -13.90 1.27
N LEU A 140 -12.74 -12.74 1.65
CA LEU A 140 -11.99 -11.51 1.62
C LEU A 140 -11.64 -11.09 3.04
N VAL A 141 -10.35 -11.04 3.33
CA VAL A 141 -9.88 -10.59 4.61
C VAL A 141 -9.20 -9.23 4.44
N SER A 142 -9.43 -8.34 5.40
CA SER A 142 -8.61 -7.13 5.53
C SER A 142 -8.00 -7.07 6.93
N LEU A 143 -6.70 -6.82 6.98
CA LEU A 143 -5.98 -6.76 8.24
C LEU A 143 -5.65 -5.33 8.62
N SER A 144 -5.14 -5.15 9.83
CA SER A 144 -4.66 -3.85 10.27
C SER A 144 -3.22 -3.99 10.76
N TYR A 145 -2.52 -2.87 10.85
CA TYR A 145 -1.16 -2.84 11.34
C TYR A 145 -0.84 -1.46 11.88
N ARG A 146 0.04 -1.40 12.88
CA ARG A 146 0.41 -0.12 13.47
C ARG A 146 1.16 0.71 12.44
N VAL A 147 0.94 2.02 12.50
CA VAL A 147 1.55 2.96 11.58
C VAL A 147 2.25 4.02 12.40
N GLY A 148 2.94 4.91 11.71
CA GLY A 148 3.61 6.01 12.37
C GLY A 148 4.69 5.46 13.28
N ALA A 149 5.05 6.24 14.30
CA ALA A 149 6.10 5.83 15.23
C ALA A 149 5.71 4.53 15.92
N PHE A 150 4.41 4.37 16.18
CA PHE A 150 3.86 3.21 16.86
C PHE A 150 4.24 1.92 16.16
N GLY A 151 4.17 1.94 14.83
CA GLY A 151 4.48 0.77 14.03
C GLY A 151 5.91 0.68 13.52
N PHE A 152 6.64 1.80 13.47
CA PHE A 152 7.92 1.80 12.77
C PHE A 152 9.08 2.56 13.42
N LEU A 153 8.93 3.01 14.66
CA LEU A 153 10.08 3.54 15.38
C LEU A 153 11.18 2.48 15.38
N ALA A 154 12.39 2.85 14.98
CA ALA A 154 13.50 1.91 14.82
C ALA A 154 14.75 2.33 15.58
N LEU A 155 15.01 1.68 16.70
CA LEU A 155 16.27 1.79 17.40
C LEU A 155 16.93 0.41 17.39
N HIS A 156 17.61 0.10 16.29
CA HIS A 156 18.21 -1.22 16.07
C HIS A 156 19.20 -1.57 17.17
N GLY A 157 19.06 -2.77 17.74
CA GLY A 157 19.86 -3.19 18.90
C GLY A 157 18.98 -3.37 20.14
N SER A 158 17.97 -2.52 20.26
CA SER A 158 16.98 -2.64 21.32
C SER A 158 15.95 -3.69 20.97
N GLN A 159 15.43 -4.38 21.98
CA GLN A 159 14.30 -5.31 21.80
C GLN A 159 12.96 -4.67 22.17
N GLU A 160 13.01 -3.50 22.79
CA GLU A 160 11.81 -2.77 23.18
C GLU A 160 11.20 -2.00 22.00
N ALA A 161 12.05 -1.60 21.04
CA ALA A 161 11.60 -0.91 19.84
C ALA A 161 12.54 -1.23 18.67
N PRO A 162 12.52 -2.49 18.20
CA PRO A 162 13.49 -2.96 17.21
C PRO A 162 13.30 -2.39 15.80
N GLY A 163 12.10 -1.89 15.51
CA GLY A 163 11.72 -1.54 14.14
C GLY A 163 10.84 -2.62 13.53
N ASN A 164 10.14 -2.25 12.45
CA ASN A 164 9.35 -3.19 11.64
C ASN A 164 8.15 -3.83 12.32
N VAL A 165 7.75 -3.35 13.48
CA VAL A 165 6.72 -4.05 14.25
C VAL A 165 5.38 -4.00 13.50
N GLY A 166 5.15 -2.90 12.80
CA GLY A 166 4.00 -2.78 11.90
C GLY A 166 3.97 -3.90 10.88
N LEU A 167 5.13 -4.24 10.32
CA LEU A 167 5.23 -5.37 9.39
C LEU A 167 5.00 -6.71 10.09
N LEU A 168 5.54 -6.86 11.31
CA LEU A 168 5.22 -8.05 12.10
C LEU A 168 3.73 -8.16 12.43
N ASP A 169 3.04 -7.04 12.58
CA ASP A 169 1.58 -7.05 12.78
C ASP A 169 0.91 -7.69 11.57
N GLN A 170 1.38 -7.32 10.39
CA GLN A 170 0.82 -7.86 9.17
C GLN A 170 1.05 -9.35 9.11
N ARG A 171 2.28 -9.78 9.41
CA ARG A 171 2.63 -11.19 9.42
C ARG A 171 1.78 -11.99 10.40
N MET A 172 1.51 -11.40 11.56
CA MET A 172 0.71 -12.09 12.57
C MET A 172 -0.72 -12.29 12.08
N ALA A 173 -1.26 -11.31 11.38
CA ALA A 173 -2.58 -11.47 10.78
C ALA A 173 -2.54 -12.59 9.76
N LEU A 174 -1.49 -12.62 8.95
CA LEU A 174 -1.34 -13.68 7.95
C LEU A 174 -1.20 -15.04 8.62
N GLN A 175 -0.41 -15.12 9.69
CA GLN A 175 -0.33 -16.35 10.50
C GLN A 175 -1.70 -16.76 10.99
N TRP A 176 -2.50 -15.81 11.46
CA TRP A 176 -3.82 -16.11 11.96
C TRP A 176 -4.74 -16.62 10.84
N VAL A 177 -4.60 -16.07 9.64
CA VAL A 177 -5.36 -16.53 8.47
C VAL A 177 -4.93 -17.94 8.08
N HIS A 178 -3.62 -18.18 8.06
CA HIS A 178 -3.09 -19.50 7.75
C HIS A 178 -3.60 -20.56 8.73
N ASP A 179 -3.78 -20.16 9.98
CA ASP A 179 -4.18 -21.10 11.03
C ASP A 179 -5.70 -21.31 11.10
N ASN A 180 -6.47 -20.25 10.82
CA ASN A 180 -7.91 -20.25 11.12
C ASN A 180 -8.89 -20.09 9.95
N ILE A 181 -8.43 -19.60 8.80
CA ILE A 181 -9.33 -19.29 7.69
C ILE A 181 -10.18 -20.48 7.22
N GLN A 182 -9.69 -21.69 7.43
CA GLN A 182 -10.43 -22.91 7.06
C GLN A 182 -11.80 -22.99 7.74
N PHE A 183 -11.93 -22.42 8.93
CA PHE A 183 -13.19 -22.52 9.68
C PHE A 183 -14.22 -21.57 9.10
N PHE A 184 -13.75 -20.61 8.30
CA PHE A 184 -14.60 -19.68 7.56
C PHE A 184 -14.83 -20.11 6.11
N GLY A 185 -14.43 -21.33 5.77
CA GLY A 185 -14.56 -21.85 4.40
C GLY A 185 -13.41 -21.51 3.47
N GLY A 186 -12.41 -20.79 3.99
CA GLY A 186 -11.27 -20.39 3.18
C GLY A 186 -10.26 -21.49 3.04
N ASP A 187 -9.50 -21.44 1.95
CA ASP A 187 -8.45 -22.40 1.66
C ASP A 187 -7.08 -21.78 2.00
N PRO A 188 -6.49 -22.19 3.15
CA PRO A 188 -5.27 -21.53 3.63
C PRO A 188 -4.03 -21.67 2.73
N LYS A 189 -4.04 -22.63 1.82
CA LYS A 189 -2.91 -22.77 0.89
C LYS A 189 -3.19 -22.15 -0.49
N THR A 190 -4.29 -21.38 -0.58
CA THR A 190 -4.54 -20.53 -1.74
C THR A 190 -4.87 -19.11 -1.27
N VAL A 191 -3.95 -18.52 -0.53
CA VAL A 191 -4.09 -17.15 -0.03
C VAL A 191 -3.27 -16.18 -0.90
N THR A 192 -3.94 -15.14 -1.39
CA THR A 192 -3.28 -14.08 -2.14
C THR A 192 -3.31 -12.83 -1.28
N ILE A 193 -2.12 -12.29 -0.98
CA ILE A 193 -2.06 -11.00 -0.29
C ILE A 193 -2.03 -9.91 -1.35
N PHE A 194 -2.68 -8.80 -1.08
CA PHE A 194 -2.69 -7.69 -2.02
C PHE A 194 -2.82 -6.35 -1.32
N GLY A 195 -2.20 -5.32 -1.87
CA GLY A 195 -2.25 -3.99 -1.24
C GLY A 195 -1.87 -2.88 -2.19
N GLU A 196 -2.19 -1.65 -1.80
CA GLU A 196 -1.89 -0.46 -2.60
C GLU A 196 -0.85 0.41 -1.93
N SER A 197 0.06 0.97 -2.73
CA SER A 197 1.07 1.93 -2.26
C SER A 197 1.87 1.28 -1.14
N ALA A 198 1.88 1.85 0.08
CA ALA A 198 2.58 1.21 1.20
C ALA A 198 2.10 -0.24 1.39
N GLY A 199 0.83 -0.52 1.11
CA GLY A 199 0.33 -1.89 1.12
C GLY A 199 0.98 -2.78 0.08
N GLY A 200 1.22 -2.23 -1.11
CA GLY A 200 1.87 -2.97 -2.19
C GLY A 200 3.34 -3.18 -1.92
N ALA A 201 3.98 -2.21 -1.30
CA ALA A 201 5.38 -2.37 -0.88
C ALA A 201 5.47 -3.45 0.21
N SER A 202 4.52 -3.41 1.15
CA SER A 202 4.45 -4.41 2.21
C SER A 202 4.32 -5.82 1.61
N VAL A 203 3.47 -5.96 0.61
CA VAL A 203 3.31 -7.23 -0.09
C VAL A 203 4.67 -7.68 -0.60
N GLY A 204 5.37 -6.77 -1.26
CA GLY A 204 6.71 -7.07 -1.74
C GLY A 204 7.65 -7.45 -0.62
N MET A 205 7.48 -6.81 0.52
CA MET A 205 8.36 -7.06 1.66
C MET A 205 8.17 -8.45 2.25
N HIS A 206 6.94 -8.95 2.25
CA HIS A 206 6.68 -10.31 2.74
C HIS A 206 7.18 -11.34 1.74
N ILE A 207 7.19 -10.98 0.46
CA ILE A 207 7.80 -11.79 -0.59
C ILE A 207 9.30 -11.97 -0.35
N LEU A 208 9.95 -10.89 0.07
CA LEU A 208 11.37 -10.90 0.37
C LEU A 208 11.68 -11.58 1.71
N SER A 209 10.95 -11.21 2.75
CA SER A 209 11.23 -11.71 4.11
C SER A 209 10.99 -13.20 4.31
N PRO A 210 12.05 -13.95 4.67
CA PRO A 210 11.91 -15.38 4.93
C PRO A 210 10.81 -15.75 5.94
N GLY A 211 10.67 -14.96 7.00
CA GLY A 211 9.66 -15.23 8.02
C GLY A 211 8.20 -15.12 7.58
N SER A 212 7.96 -14.50 6.43
CA SER A 212 6.60 -14.30 5.90
C SER A 212 6.23 -15.18 4.72
N ARG A 213 7.23 -15.62 3.96
CA ARG A 213 7.03 -16.33 2.69
C ARG A 213 6.07 -17.51 2.73
N ASP A 214 6.05 -18.26 3.83
CA ASP A 214 5.26 -19.50 3.90
C ASP A 214 3.80 -19.24 4.20
N LEU A 215 3.46 -18.01 4.55
CA LEU A 215 2.11 -17.66 5.00
C LEU A 215 1.16 -17.22 3.86
N PHE A 216 1.59 -17.29 2.61
CA PHE A 216 0.71 -16.97 1.49
C PHE A 216 1.20 -17.65 0.22
N ARG A 217 0.31 -17.78 -0.77
CA ARG A 217 0.62 -18.50 -2.01
C ARG A 217 1.08 -17.54 -3.10
N ARG A 218 0.38 -16.42 -3.26
CA ARG A 218 0.74 -15.46 -4.32
C ARG A 218 0.39 -14.03 -3.93
N ALA A 219 0.73 -13.08 -4.79
CA ALA A 219 0.70 -11.66 -4.40
C ALA A 219 0.28 -10.73 -5.52
N ILE A 220 -0.36 -9.63 -5.12
CA ILE A 220 -0.71 -8.54 -6.02
C ILE A 220 -0.22 -7.24 -5.42
N LEU A 221 0.56 -6.48 -6.18
CA LEU A 221 1.07 -5.19 -5.72
C LEU A 221 0.49 -4.07 -6.58
N GLN A 222 -0.24 -3.16 -5.95
CA GLN A 222 -0.84 -2.03 -6.68
C GLN A 222 -0.10 -0.72 -6.33
N SER A 223 0.56 -0.13 -7.33
CA SER A 223 1.21 1.18 -7.15
C SER A 223 2.19 1.21 -5.96
N GLY A 224 2.98 0.16 -5.82
CA GLY A 224 3.87 0.07 -4.68
C GLY A 224 4.82 -1.09 -4.84
N SER A 225 6.01 -0.95 -4.27
CA SER A 225 7.10 -1.86 -4.54
C SER A 225 8.02 -1.84 -3.33
N PRO A 226 8.59 -2.99 -2.97
CA PRO A 226 9.39 -3.01 -1.75
C PRO A 226 10.61 -2.10 -1.85
N ASN A 227 11.15 -1.96 -3.06
CA ASN A 227 12.34 -1.13 -3.29
C ASN A 227 12.06 0.36 -3.47
N CYS A 228 10.80 0.79 -3.33
CA CYS A 228 10.49 2.20 -3.47
C CYS A 228 11.38 3.03 -2.53
N PRO A 229 11.85 4.19 -3.00
CA PRO A 229 12.79 5.00 -2.23
C PRO A 229 12.22 5.57 -0.94
N TRP A 230 10.90 5.60 -0.82
CA TRP A 230 10.21 6.12 0.36
C TRP A 230 9.87 5.04 1.39
N ALA A 231 9.92 3.78 0.96
CA ALA A 231 9.37 2.66 1.73
C ALA A 231 10.32 2.01 2.72
N SER A 232 11.57 2.46 2.81
CA SER A 232 12.50 1.86 3.77
C SER A 232 13.68 2.81 4.04
N VAL A 233 14.27 2.71 5.22
CA VAL A 233 15.44 3.50 5.58
C VAL A 233 16.50 2.61 6.21
N SER A 234 17.73 3.12 6.30
CA SER A 234 18.79 2.34 6.95
C SER A 234 18.58 2.31 8.46
N VAL A 235 19.28 1.39 9.10
CA VAL A 235 19.35 1.34 10.56
C VAL A 235 19.82 2.67 11.13
N ALA A 236 20.89 3.22 10.60
CA ALA A 236 21.40 4.52 11.08
C ALA A 236 20.33 5.62 10.99
N GLU A 237 19.63 5.68 9.85
CA GLU A 237 18.64 6.74 9.62
C GLU A 237 17.38 6.56 10.46
N GLY A 238 16.96 5.32 10.67
CA GLY A 238 15.86 5.04 11.59
C GLY A 238 16.22 5.50 12.99
N ARG A 239 17.44 5.18 13.41
CA ARG A 239 17.94 5.60 14.71
C ARG A 239 17.90 7.12 14.83
N ARG A 240 18.51 7.81 13.87
CA ARG A 240 18.53 9.29 13.89
C ARG A 240 17.12 9.84 14.07
N ARG A 241 16.17 9.34 13.28
CA ARG A 241 14.81 9.85 13.34
C ARG A 241 14.14 9.59 14.70
N ALA A 242 14.35 8.42 15.26
CA ALA A 242 13.83 8.09 16.59
C ALA A 242 14.38 9.03 17.66
N VAL A 243 15.69 9.30 17.59
CA VAL A 243 16.33 10.21 18.55
C VAL A 243 15.80 11.63 18.37
N GLU A 244 15.59 12.03 17.12
CA GLU A 244 15.05 13.35 16.82
C GLU A 244 13.60 13.49 17.30
N LEU A 245 12.82 12.41 17.24
CA LEU A 245 11.47 12.42 17.78
C LEU A 245 11.50 12.71 19.27
N GLY A 246 12.40 12.03 19.99
CA GLY A 246 12.57 12.26 21.41
C GLY A 246 13.03 13.67 21.72
N ARG A 247 13.91 14.20 20.88
CA ARG A 247 14.35 15.59 21.01
C ARG A 247 13.16 16.56 20.89
N ASN A 248 12.23 16.29 19.96
CA ASN A 248 11.00 17.08 19.84
C ASN A 248 10.09 17.01 21.06
N LEU A 249 10.12 15.89 21.78
CA LEU A 249 9.27 15.69 22.95
C LEU A 249 9.99 15.81 24.31
N ASN A 250 11.16 16.46 24.31
CA ASN A 250 11.88 16.79 25.56
C ASN A 250 12.35 15.56 26.32
N CYS A 251 12.65 14.49 25.57
CA CYS A 251 13.02 13.22 26.16
C CYS A 251 14.48 13.20 26.60
N ASN A 252 14.78 12.36 27.59
CA ASN A 252 16.16 12.02 27.94
C ASN A 252 16.79 11.17 26.84
N LEU A 253 17.94 11.61 26.33
CA LEU A 253 18.51 11.03 25.11
C LEU A 253 19.79 10.21 25.30
N ASN A 254 20.32 10.11 26.50
CA ASN A 254 21.63 9.44 26.65
C ASN A 254 21.63 7.90 26.65
N SER A 255 20.46 7.29 26.43
CA SER A 255 20.39 5.86 26.11
C SER A 255 19.04 5.49 25.51
N ASP A 256 18.96 4.31 24.92
CA ASP A 256 17.72 3.80 24.32
C ASP A 256 16.61 3.56 25.32
N GLU A 257 16.98 3.03 26.49
CA GLU A 257 16.01 2.67 27.52
C GLU A 257 15.35 3.94 28.04
N GLU A 258 16.19 4.95 28.27
CA GLU A 258 15.75 6.30 28.64
C GLU A 258 14.83 6.88 27.57
N LEU A 259 15.26 6.78 26.32
CA LEU A 259 14.53 7.35 25.20
C LEU A 259 13.17 6.68 25.03
N ILE A 260 13.17 5.36 25.00
CA ILE A 260 11.95 4.60 24.79
C ILE A 260 10.99 4.77 25.96
N HIS A 261 11.52 4.75 27.18
CA HIS A 261 10.69 4.91 28.36
C HIS A 261 9.92 6.23 28.27
N CYS A 262 10.63 7.29 27.87
CA CYS A 262 10.03 8.61 27.73
C CYS A 262 8.94 8.64 26.67
N LEU A 263 9.22 8.03 25.52
CA LEU A 263 8.25 8.01 24.43
C LEU A 263 6.98 7.26 24.80
N ARG A 264 7.09 6.29 25.71
CA ARG A 264 5.93 5.51 26.15
C ARG A 264 5.02 6.26 27.12
N GLU A 265 5.56 7.21 27.87
CA GLU A 265 4.75 8.04 28.76
C GLU A 265 3.89 9.04 28.01
N LYS A 266 4.28 9.36 26.78
CA LYS A 266 3.57 10.35 25.98
C LYS A 266 2.22 9.80 25.52
N LYS A 267 1.22 10.67 25.48
CA LYS A 267 -0.07 10.31 24.90
C LYS A 267 0.15 10.12 23.41
N PRO A 268 -0.73 9.36 22.75
CA PRO A 268 -0.51 9.11 21.32
C PRO A 268 -0.44 10.38 20.47
N GLN A 269 -1.30 11.34 20.74
CA GLN A 269 -1.39 12.53 19.89
C GLN A 269 -0.13 13.39 19.98
N GLU A 270 0.61 13.29 21.09
CA GLU A 270 1.86 14.04 21.23
C GLU A 270 2.90 13.53 20.24
N LEU A 271 2.96 12.22 20.04
CA LEU A 271 3.86 11.63 19.06
C LEU A 271 3.49 12.06 17.64
N ILE A 272 2.20 11.95 17.32
CA ILE A 272 1.68 12.41 16.02
C ILE A 272 1.92 13.91 15.77
N ASP A 273 1.79 14.74 16.80
CA ASP A 273 1.96 16.18 16.62
C ASP A 273 3.32 16.59 16.02
N VAL A 274 4.37 15.85 16.36
CA VAL A 274 5.74 16.19 15.93
C VAL A 274 6.35 15.18 14.93
N GLU A 275 5.54 14.21 14.52
CA GLU A 275 5.97 13.11 13.65
C GLU A 275 6.65 13.59 12.36
N TRP A 276 6.11 14.65 11.77
CA TRP A 276 6.65 15.18 10.52
C TRP A 276 7.93 16.00 10.68
N ASN A 277 8.31 16.34 11.92
CA ASN A 277 9.49 17.18 12.15
C ASN A 277 10.85 16.47 12.01
N VAL A 278 10.85 15.15 11.82
CA VAL A 278 12.09 14.38 11.79
C VAL A 278 12.61 14.06 10.37
N LEU A 279 11.89 14.46 9.33
CA LEU A 279 12.39 14.25 7.96
C LEU A 279 13.71 14.97 7.76
N PRO A 280 14.68 14.30 7.12
CA PRO A 280 16.01 14.89 6.92
C PRO A 280 16.06 16.05 5.94
N PHE A 281 15.15 16.05 4.94
CA PHE A 281 15.10 17.09 3.91
C PHE A 281 13.69 17.68 3.71
N ASP A 282 13.66 18.86 3.09
CA ASP A 282 12.44 19.42 2.53
C ASP A 282 12.08 18.51 1.36
N SER A 283 10.92 17.85 1.42
CA SER A 283 10.64 16.81 0.43
C SER A 283 9.16 16.43 0.30
N ILE A 284 8.84 15.75 -0.79
CA ILE A 284 7.53 15.17 -0.97
C ILE A 284 7.67 13.69 -1.18
N PHE A 285 6.58 12.98 -0.91
CA PHE A 285 6.54 11.53 -1.00
C PHE A 285 7.58 10.91 -0.08
N ARG A 286 7.75 11.47 1.10
CA ARG A 286 8.64 10.90 2.12
C ARG A 286 7.94 10.93 3.46
N PHE A 287 8.05 9.82 4.18
CA PHE A 287 7.30 9.62 5.39
C PHE A 287 8.28 9.28 6.50
N SER A 288 7.95 9.71 7.71
CA SER A 288 8.91 9.66 8.82
C SER A 288 9.26 8.24 9.27
N PHE A 289 8.27 7.42 9.57
CA PHE A 289 8.53 6.10 10.15
C PHE A 289 8.11 4.97 9.25
N VAL A 290 9.10 4.33 8.65
CA VAL A 290 8.90 3.32 7.64
C VAL A 290 9.75 2.10 7.98
N PRO A 291 9.55 0.98 7.27
CA PRO A 291 10.38 -0.18 7.50
C PRO A 291 11.88 0.11 7.48
N VAL A 292 12.62 -0.68 8.25
CA VAL A 292 14.06 -0.53 8.36
C VAL A 292 14.79 -1.79 7.87
N ILE A 293 15.91 -1.59 7.19
CA ILE A 293 16.71 -2.67 6.63
C ILE A 293 17.59 -3.19 7.78
N ASP A 294 17.03 -4.09 8.58
CA ASP A 294 17.54 -4.40 9.92
C ASP A 294 18.42 -5.65 10.01
N GLY A 295 18.53 -6.41 8.93
CA GLY A 295 19.28 -7.66 8.97
C GLY A 295 18.52 -8.82 9.60
N GLU A 296 17.28 -8.62 10.04
CA GLU A 296 16.47 -9.71 10.61
C GLU A 296 15.29 -9.96 9.67
N PHE A 297 14.38 -8.99 9.61
CA PHE A 297 13.24 -9.06 8.71
C PHE A 297 13.71 -9.08 7.25
N PHE A 298 14.67 -8.21 6.93
CA PHE A 298 15.37 -8.25 5.65
C PHE A 298 16.81 -8.64 5.92
N PRO A 299 17.19 -9.89 5.60
CA PRO A 299 18.55 -10.33 5.94
C PRO A 299 19.69 -9.51 5.33
N THR A 300 19.46 -8.87 4.18
CA THR A 300 20.46 -8.03 3.53
C THR A 300 19.76 -6.91 2.79
N SER A 301 20.52 -6.06 2.10
CA SER A 301 19.93 -4.99 1.29
C SER A 301 18.86 -5.56 0.34
N LEU A 302 17.80 -4.80 0.12
CA LEU A 302 16.77 -5.22 -0.82
C LEU A 302 17.37 -5.56 -2.19
N GLU A 303 18.26 -4.72 -2.70
CA GLU A 303 18.85 -4.93 -4.02
C GLU A 303 19.61 -6.25 -4.14
N SER A 304 20.39 -6.61 -3.12
CA SER A 304 21.15 -7.86 -3.19
C SER A 304 20.24 -9.07 -3.08
N MET A 305 19.19 -8.97 -2.26
CA MET A 305 18.17 -10.01 -2.23
C MET A 305 17.54 -10.20 -3.60
N LEU A 306 17.23 -9.11 -4.29
CA LEU A 306 16.63 -9.19 -5.62
C LEU A 306 17.59 -9.76 -6.66
N ASN A 307 18.85 -9.34 -6.64
CA ASN A 307 19.86 -9.87 -7.57
C ASN A 307 20.12 -11.37 -7.38
N SER A 308 20.16 -11.82 -6.13
CA SER A 308 20.49 -13.21 -5.82
C SER A 308 19.28 -14.13 -5.87
N GLY A 309 18.08 -13.59 -6.09
CA GLY A 309 16.88 -14.39 -6.08
C GLY A 309 16.46 -14.85 -4.69
N ASN A 310 16.95 -14.15 -3.67
CA ASN A 310 16.57 -14.45 -2.29
C ASN A 310 15.18 -13.88 -2.02
N PHE A 311 14.16 -14.61 -2.48
CA PHE A 311 12.75 -14.22 -2.30
C PHE A 311 11.79 -15.36 -2.67
N LYS A 312 10.54 -15.25 -2.22
CA LYS A 312 9.54 -16.25 -2.59
C LYS A 312 9.32 -16.22 -4.09
N LYS A 313 9.32 -17.41 -4.68
CA LYS A 313 9.15 -17.59 -6.12
C LYS A 313 7.75 -18.14 -6.36
N THR A 314 6.88 -17.27 -6.87
CA THR A 314 5.48 -17.59 -7.12
C THR A 314 4.99 -16.72 -8.29
N GLN A 315 3.67 -16.58 -8.42
CA GLN A 315 3.09 -15.73 -9.44
C GLN A 315 2.78 -14.37 -8.82
N ILE A 316 2.98 -13.31 -9.58
CA ILE A 316 2.57 -11.98 -9.15
C ILE A 316 1.81 -11.24 -10.25
N LEU A 317 0.99 -10.30 -9.80
CA LEU A 317 0.24 -9.43 -10.67
C LEU A 317 0.40 -8.05 -10.08
N LEU A 318 0.81 -7.09 -10.88
CA LEU A 318 1.12 -5.76 -10.34
C LEU A 318 1.01 -4.69 -11.41
N GLY A 319 1.01 -3.45 -10.97
CA GLY A 319 0.90 -2.35 -11.89
C GLY A 319 0.82 -1.01 -11.21
N VAL A 320 0.50 0.00 -12.02
CA VAL A 320 0.52 1.40 -11.58
C VAL A 320 -0.57 2.22 -12.29
N ASN A 321 -0.81 3.42 -11.76
CA ASN A 321 -1.73 4.38 -12.34
C ASN A 321 -0.98 5.45 -13.12
N LYS A 322 -1.65 6.10 -14.06
CA LYS A 322 -1.02 7.05 -14.95
C LYS A 322 -0.38 8.24 -14.21
N ASP A 323 -1.04 8.70 -13.15
CA ASP A 323 -0.66 9.95 -12.51
C ASP A 323 -0.48 9.75 -11.01
N GLU A 324 0.53 8.97 -10.65
CA GLU A 324 0.83 8.68 -9.26
C GLU A 324 1.27 9.91 -8.47
N GLY A 325 1.87 10.89 -9.15
CA GLY A 325 2.50 12.00 -8.44
C GLY A 325 1.57 13.12 -7.98
N SER A 326 0.41 13.25 -8.60
CA SER A 326 -0.38 14.46 -8.47
C SER A 326 -0.82 14.78 -7.03
N PHE A 327 -1.04 13.75 -6.22
CA PHE A 327 -1.42 13.95 -4.80
C PHE A 327 -0.35 14.67 -4.00
N PHE A 328 0.89 14.29 -4.22
CA PHE A 328 1.98 14.74 -3.38
C PHE A 328 2.41 16.14 -3.78
N LEU A 329 2.17 16.52 -5.03
CA LEU A 329 2.44 17.88 -5.48
C LEU A 329 1.38 18.85 -4.95
N LEU A 330 0.12 18.44 -4.94
CA LEU A 330 -0.95 19.27 -4.39
C LEU A 330 -0.68 19.59 -2.93
N TYR A 331 -0.31 18.57 -2.16
CA TYR A 331 -0.06 18.74 -0.73
C TYR A 331 1.23 19.45 -0.36
N GLY A 332 2.26 19.40 -1.20
CA GLY A 332 3.60 19.92 -0.81
C GLY A 332 4.27 20.94 -1.71
N ALA A 333 4.08 20.82 -3.02
CA ALA A 333 4.82 21.61 -3.98
C ALA A 333 4.18 22.97 -4.24
N PRO A 334 5.00 24.03 -4.27
CA PRO A 334 4.46 25.37 -4.57
C PRO A 334 3.87 25.46 -5.97
N GLY A 335 2.83 26.29 -6.12
CA GLY A 335 2.13 26.48 -7.39
C GLY A 335 0.86 25.65 -7.58
N PHE A 336 0.77 24.53 -6.85
CA PHE A 336 -0.33 23.58 -6.96
C PHE A 336 -1.40 23.89 -5.93
N SER A 337 -2.64 23.94 -6.39
CA SER A 337 -3.79 24.10 -5.50
C SER A 337 -4.98 23.32 -6.03
N LYS A 338 -5.90 23.00 -5.14
CA LYS A 338 -7.01 22.12 -5.49
C LYS A 338 -8.03 22.75 -6.45
N ASP A 339 -8.19 24.08 -6.40
CA ASP A 339 -9.28 24.72 -7.13
C ASP A 339 -8.82 25.55 -8.34
N SER A 340 -7.57 25.39 -8.73
CA SER A 340 -7.07 26.00 -9.96
C SER A 340 -6.52 24.88 -10.80
N GLU A 341 -6.23 25.16 -12.07
CA GLU A 341 -5.63 24.15 -12.91
C GLU A 341 -4.10 24.03 -12.72
N SER A 342 -3.56 24.79 -11.78
CA SER A 342 -2.18 24.60 -11.30
C SER A 342 -1.16 24.63 -12.42
N LYS A 343 -1.21 25.65 -13.24
CA LYS A 343 -0.18 25.89 -14.23
C LYS A 343 1.07 26.37 -13.52
N ILE A 344 2.20 25.75 -13.82
CA ILE A 344 3.41 25.91 -13.05
C ILE A 344 4.43 26.73 -13.80
N SER A 345 4.92 27.79 -13.16
CA SER A 345 6.00 28.60 -13.72
C SER A 345 7.31 27.82 -13.70
N ARG A 346 8.31 28.35 -14.39
CA ARG A 346 9.64 27.75 -14.41
C ARG A 346 10.26 27.70 -13.01
N GLU A 347 10.00 28.74 -12.22
CA GLU A 347 10.46 28.82 -10.83
C GLU A 347 9.91 27.70 -9.95
N ASP A 348 8.59 27.54 -9.96
CA ASP A 348 7.93 26.46 -9.22
C ASP A 348 8.32 25.06 -9.72
N PHE A 349 8.60 24.95 -11.02
CA PHE A 349 9.09 23.70 -11.57
C PHE A 349 10.44 23.32 -10.97
N MET A 350 11.35 24.28 -10.89
CA MET A 350 12.68 24.05 -10.29
C MET A 350 12.57 23.70 -8.82
N SER A 351 11.70 24.42 -8.10
CA SER A 351 11.41 24.10 -6.70
C SER A 351 10.80 22.69 -6.55
N GLY A 352 9.90 22.33 -7.46
CA GLY A 352 9.28 21.01 -7.44
C GLY A 352 10.26 19.87 -7.62
N VAL A 353 11.20 20.05 -8.56
CA VAL A 353 12.20 19.03 -8.84
C VAL A 353 13.03 18.73 -7.58
N LYS A 354 13.48 19.80 -6.93
CA LYS A 354 14.31 19.69 -5.73
C LYS A 354 13.60 18.96 -4.60
N LEU A 355 12.31 19.23 -4.44
CA LEU A 355 11.48 18.52 -3.47
C LEU A 355 11.29 17.05 -3.84
N SER A 356 11.23 16.76 -5.13
CA SER A 356 11.01 15.40 -5.60
C SER A 356 12.25 14.51 -5.51
N VAL A 357 13.43 15.11 -5.57
CA VAL A 357 14.68 14.35 -5.58
C VAL A 357 15.61 14.95 -4.55
N PRO A 358 15.30 14.73 -3.27
CA PRO A 358 15.94 15.48 -2.19
C PRO A 358 17.45 15.22 -1.96
N HIS A 359 17.93 14.02 -2.31
CA HIS A 359 19.36 13.72 -2.18
C HIS A 359 20.24 14.42 -3.22
N ALA A 360 19.66 14.74 -4.37
CA ALA A 360 20.41 15.14 -5.55
C ALA A 360 21.26 16.39 -5.35
N ASN A 361 22.52 16.28 -5.73
CA ASN A 361 23.38 17.43 -5.95
C ASN A 361 22.88 18.19 -7.18
N ASP A 362 23.47 19.35 -7.45
CA ASP A 362 22.98 20.24 -8.49
C ASP A 362 22.94 19.58 -9.86
N LEU A 363 23.99 18.83 -10.20
CA LEU A 363 24.07 18.13 -11.47
C LEU A 363 22.92 17.11 -11.64
N GLY A 364 22.53 16.45 -10.57
CA GLY A 364 21.40 15.53 -10.62
C GLY A 364 20.11 16.25 -10.94
N LEU A 365 19.91 17.40 -10.32
CA LEU A 365 18.72 18.22 -10.55
C LEU A 365 18.69 18.71 -11.99
N ASP A 366 19.87 19.05 -12.52
CA ASP A 366 19.98 19.43 -13.91
C ASP A 366 19.59 18.28 -14.84
N ALA A 367 20.06 17.09 -14.51
CA ALA A 367 19.80 15.91 -15.32
C ALA A 367 18.30 15.62 -15.39
N VAL A 368 17.61 15.74 -14.26
CA VAL A 368 16.17 15.51 -14.18
C VAL A 368 15.42 16.58 -14.97
N THR A 369 15.83 17.84 -14.78
CA THR A 369 15.19 18.95 -15.44
C THR A 369 15.27 18.78 -16.94
N LEU A 370 16.47 18.51 -17.45
CA LEU A 370 16.69 18.30 -18.87
C LEU A 370 15.82 17.16 -19.42
N GLN A 371 15.67 16.10 -18.63
CA GLN A 371 14.95 14.93 -19.07
C GLN A 371 13.44 15.16 -19.19
N TYR A 372 12.91 16.13 -18.43
CA TYR A 372 11.45 16.35 -18.32
C TYR A 372 11.02 17.74 -18.79
N THR A 373 11.88 18.44 -19.51
CA THR A 373 11.61 19.77 -19.97
C THR A 373 11.58 19.79 -21.48
N ASP A 374 10.48 20.28 -22.04
CA ASP A 374 10.42 20.62 -23.46
C ASP A 374 10.99 22.01 -23.64
N TRP A 375 12.26 22.08 -24.05
CA TRP A 375 12.94 23.37 -24.26
C TRP A 375 12.48 24.16 -25.50
N MET A 376 11.60 23.60 -26.32
CA MET A 376 10.94 24.38 -27.37
C MET A 376 9.84 25.28 -26.79
N ASP A 377 9.43 25.02 -25.55
CA ASP A 377 8.28 25.69 -24.96
C ASP A 377 8.31 25.54 -23.43
N ASP A 378 9.40 25.99 -22.81
CA ASP A 378 9.65 25.75 -21.39
C ASP A 378 8.89 26.67 -20.42
N ASN A 379 8.14 27.64 -20.95
CA ASN A 379 7.23 28.44 -20.12
C ASN A 379 5.77 28.00 -20.21
N ASN A 380 5.53 26.79 -20.73
CA ASN A 380 4.20 26.26 -20.79
C ASN A 380 3.83 25.64 -19.43
N GLY A 381 2.94 26.31 -18.71
CA GLY A 381 2.49 25.89 -17.38
C GLY A 381 1.82 24.53 -17.31
N ILE A 382 1.19 24.11 -18.41
CA ILE A 382 0.59 22.77 -18.47
C ILE A 382 1.67 21.69 -18.55
N LYS A 383 2.67 21.91 -19.41
CA LYS A 383 3.78 20.95 -19.57
C LYS A 383 4.70 20.91 -18.36
N ASN A 384 4.96 22.06 -17.74
CA ASN A 384 5.70 22.09 -16.47
C ASN A 384 4.95 21.33 -15.38
N ARG A 385 3.65 21.58 -15.27
CA ARG A 385 2.81 20.87 -14.30
C ARG A 385 2.82 19.37 -14.55
N ASP A 386 2.49 18.96 -15.77
CA ASP A 386 2.44 17.53 -16.11
C ASP A 386 3.81 16.85 -16.01
N GLY A 387 4.87 17.61 -16.33
CA GLY A 387 6.24 17.09 -16.23
C GLY A 387 6.66 16.81 -14.81
N LEU A 388 6.33 17.73 -13.90
CA LEU A 388 6.51 17.48 -12.48
C LEU A 388 5.69 16.28 -12.04
N ASP A 389 4.43 16.24 -12.47
CA ASP A 389 3.59 15.11 -12.13
C ASP A 389 4.30 13.80 -12.50
N ASP A 390 4.79 13.72 -13.74
CA ASP A 390 5.56 12.56 -14.19
C ASP A 390 6.84 12.29 -13.38
N ILE A 391 7.58 13.34 -13.04
CA ILE A 391 8.79 13.17 -12.25
C ILE A 391 8.46 12.45 -10.93
N VAL A 392 7.43 12.93 -10.24
CA VAL A 392 7.11 12.36 -8.94
C VAL A 392 6.62 10.91 -9.07
N GLY A 393 5.79 10.67 -10.08
CA GLY A 393 5.23 9.33 -10.28
C GLY A 393 6.27 8.33 -10.75
N ASP A 394 7.12 8.74 -11.68
CA ASP A 394 8.19 7.88 -12.17
C ASP A 394 9.22 7.53 -11.10
N HIS A 395 9.69 8.55 -10.39
CA HIS A 395 10.75 8.35 -9.40
C HIS A 395 10.29 7.48 -8.23
N ASN A 396 9.05 7.69 -7.79
CA ASN A 396 8.57 7.06 -6.58
C ASN A 396 7.76 5.80 -6.77
N VAL A 397 7.14 5.63 -7.93
CA VAL A 397 6.26 4.49 -8.12
C VAL A 397 6.59 3.66 -9.36
N ILE A 398 6.46 4.24 -10.54
CA ILE A 398 6.56 3.45 -11.75
C ILE A 398 7.95 2.82 -11.92
N CYS A 399 9.00 3.62 -11.81
CA CYS A 399 10.34 3.12 -12.11
C CYS A 399 10.90 2.18 -11.05
N PRO A 400 10.60 2.42 -9.75
CA PRO A 400 10.93 1.38 -8.76
C PRO A 400 10.21 0.06 -9.04
N LEU A 401 8.93 0.14 -9.39
CA LEU A 401 8.15 -1.06 -9.68
C LEU A 401 8.68 -1.80 -10.90
N MET A 402 9.11 -1.06 -11.94
CA MET A 402 9.66 -1.71 -13.13
C MET A 402 10.97 -2.42 -12.84
N HIS A 403 11.74 -1.89 -11.90
CA HIS A 403 13.00 -2.51 -11.48
C HIS A 403 12.71 -3.77 -10.67
N PHE A 404 11.67 -3.72 -9.85
CA PHE A 404 11.23 -4.90 -9.13
C PHE A 404 10.73 -5.96 -10.10
N VAL A 405 9.87 -5.55 -11.01
CA VAL A 405 9.31 -6.45 -12.01
C VAL A 405 10.39 -7.18 -12.79
N ASN A 406 11.34 -6.41 -13.31
CA ASN A 406 12.42 -6.97 -14.12
C ASN A 406 13.28 -7.94 -13.32
N LYS A 407 13.57 -7.61 -12.06
CA LYS A 407 14.33 -8.50 -11.18
C LYS A 407 13.54 -9.74 -10.75
N TYR A 408 12.27 -9.56 -10.38
CA TYR A 408 11.46 -10.68 -9.92
C TYR A 408 11.26 -11.71 -11.03
N THR A 409 10.99 -11.21 -12.23
CA THR A 409 10.62 -12.06 -13.36
C THR A 409 11.73 -13.03 -13.78
N LYS A 410 12.99 -12.68 -13.52
CA LYS A 410 14.09 -13.63 -13.77
C LYS A 410 13.97 -14.92 -12.96
N PHE A 411 13.49 -14.83 -11.71
CA PHE A 411 13.39 -16.01 -10.83
C PHE A 411 11.96 -16.49 -10.55
N GLY A 412 10.96 -15.67 -10.86
CA GLY A 412 9.59 -15.98 -10.50
C GLY A 412 8.93 -16.95 -11.44
N ASN A 413 7.67 -17.26 -11.16
CA ASN A 413 6.93 -18.28 -11.88
C ASN A 413 5.74 -17.72 -12.70
N GLY A 414 5.71 -16.40 -12.89
CA GLY A 414 4.64 -15.78 -13.63
C GLY A 414 4.39 -14.35 -13.19
N THR A 415 4.53 -13.42 -14.13
CA THR A 415 4.27 -12.02 -13.86
C THR A 415 3.19 -11.52 -14.82
N TYR A 416 2.29 -10.69 -14.29
CA TYR A 416 1.31 -10.00 -15.10
C TYR A 416 1.29 -8.52 -14.71
N LEU A 417 1.53 -7.64 -15.69
CA LEU A 417 1.70 -6.21 -15.42
C LEU A 417 0.57 -5.39 -16.04
N TYR A 418 0.03 -4.42 -15.29
CA TYR A 418 -1.02 -3.54 -15.80
C TYR A 418 -0.64 -2.08 -15.66
N PHE A 419 -1.25 -1.27 -16.53
CA PHE A 419 -1.18 0.19 -16.46
C PHE A 419 -2.62 0.68 -16.41
N PHE A 420 -3.03 1.15 -15.24
CA PHE A 420 -4.38 1.65 -15.03
C PHE A 420 -4.44 3.12 -15.42
N ASN A 421 -5.22 3.45 -16.44
CA ASN A 421 -5.31 4.84 -16.89
C ASN A 421 -6.73 5.31 -17.21
N HIS A 422 -7.70 4.91 -16.39
CA HIS A 422 -9.04 5.47 -16.46
C HIS A 422 -9.27 6.42 -15.28
N ARG A 423 -9.64 7.66 -15.59
CA ARG A 423 -10.08 8.61 -14.58
C ARG A 423 -11.57 8.40 -14.31
N ALA A 424 -11.92 8.10 -13.06
CA ALA A 424 -13.31 7.87 -12.68
C ALA A 424 -14.14 9.12 -12.94
N SER A 425 -15.30 8.94 -13.56
CA SER A 425 -16.17 10.05 -13.97
C SER A 425 -16.73 10.87 -12.81
N ASN A 426 -16.83 10.26 -11.63
CA ASN A 426 -17.38 10.90 -10.43
C ASN A 426 -16.32 11.38 -9.43
N LEU A 427 -15.09 11.54 -9.90
CA LEU A 427 -13.98 12.00 -9.06
C LEU A 427 -14.18 13.48 -8.72
N VAL A 428 -14.00 13.84 -7.45
CA VAL A 428 -14.24 15.21 -6.98
C VAL A 428 -12.97 16.07 -6.99
N TRP A 429 -11.81 15.42 -7.10
CA TRP A 429 -10.54 16.12 -7.25
C TRP A 429 -10.47 16.77 -8.63
N PRO A 430 -9.65 17.81 -8.80
CA PRO A 430 -9.60 18.51 -10.09
C PRO A 430 -9.04 17.69 -11.25
N GLU A 431 -9.32 18.12 -12.48
CA GLU A 431 -8.90 17.43 -13.70
C GLU A 431 -7.39 17.30 -13.86
N TRP A 432 -6.63 18.29 -13.42
CA TRP A 432 -5.18 18.28 -13.60
C TRP A 432 -4.51 17.12 -12.89
N MET A 433 -5.15 16.57 -11.87
CA MET A 433 -4.55 15.49 -11.10
C MET A 433 -4.59 14.17 -11.85
N GLY A 434 -5.41 14.12 -12.91
CA GLY A 434 -5.41 13.00 -13.83
C GLY A 434 -5.98 11.75 -13.21
N VAL A 435 -5.32 10.61 -13.47
CA VAL A 435 -5.70 9.32 -12.91
C VAL A 435 -4.93 9.13 -11.60
N ILE A 436 -5.60 9.45 -10.50
CA ILE A 436 -4.93 9.72 -9.23
C ILE A 436 -4.53 8.47 -8.45
N HIS A 437 -3.34 8.54 -7.87
CA HIS A 437 -2.92 7.63 -6.82
C HIS A 437 -4.09 7.21 -5.92
N GLY A 438 -4.40 5.92 -5.94
CA GLY A 438 -5.42 5.35 -5.06
C GLY A 438 -6.79 5.11 -5.68
N TYR A 439 -7.01 5.57 -6.91
CA TYR A 439 -8.36 5.53 -7.47
C TYR A 439 -8.63 4.37 -8.44
N GLU A 440 -7.75 3.38 -8.42
CA GLU A 440 -8.05 2.06 -8.99
C GLU A 440 -8.66 1.14 -7.93
N ILE A 441 -8.42 1.45 -6.66
CA ILE A 441 -8.88 0.62 -5.56
C ILE A 441 -10.39 0.43 -5.63
N GLU A 442 -11.13 1.52 -5.82
CA GLU A 442 -12.59 1.44 -5.87
C GLU A 442 -13.10 0.52 -6.99
N PHE A 443 -12.30 0.40 -8.06
CA PHE A 443 -12.62 -0.54 -9.15
C PHE A 443 -12.31 -1.97 -8.74
N VAL A 444 -11.20 -2.15 -8.04
CA VAL A 444 -10.78 -3.45 -7.54
C VAL A 444 -11.79 -4.00 -6.52
N PHE A 445 -12.42 -3.12 -5.74
CA PHE A 445 -13.35 -3.54 -4.69
C PHE A 445 -14.82 -3.52 -5.10
N GLY A 446 -15.11 -3.13 -6.35
CA GLY A 446 -16.47 -3.29 -6.92
C GLY A 446 -17.48 -2.20 -6.60
N LEU A 447 -17.01 -1.05 -6.15
CA LEU A 447 -17.89 0.06 -5.78
C LEU A 447 -18.75 0.55 -6.98
N PRO A 448 -18.18 0.52 -8.20
CA PRO A 448 -18.96 0.84 -9.41
C PRO A 448 -20.20 -0.02 -9.70
N LEU A 449 -20.37 -1.14 -8.98
CA LEU A 449 -21.60 -1.94 -9.09
C LEU A 449 -22.76 -1.35 -8.27
N VAL A 450 -22.45 -0.36 -7.43
CA VAL A 450 -23.44 0.30 -6.61
C VAL A 450 -23.91 1.55 -7.37
N LYS A 451 -25.20 1.57 -7.73
CA LYS A 451 -25.74 2.63 -8.59
C LYS A 451 -25.76 3.99 -7.90
N GLU A 452 -25.97 3.98 -6.58
CA GLU A 452 -26.07 5.21 -5.79
C GLU A 452 -24.77 6.01 -5.84
N LEU A 453 -23.64 5.32 -6.03
CA LEU A 453 -22.34 5.98 -6.12
C LEU A 453 -22.06 6.61 -7.49
N ASN A 454 -22.98 6.46 -8.43
CA ASN A 454 -23.00 7.27 -9.66
C ASN A 454 -21.79 7.05 -10.56
N TYR A 455 -21.44 5.79 -10.80
CA TYR A 455 -20.45 5.48 -11.83
C TYR A 455 -21.23 5.22 -13.12
N THR A 456 -20.52 5.18 -14.25
CA THR A 456 -21.14 4.88 -15.55
C THR A 456 -21.21 3.38 -15.75
N ALA A 457 -22.06 2.95 -16.68
CA ALA A 457 -22.17 1.54 -17.02
C ALA A 457 -20.81 0.97 -17.46
N GLU A 458 -20.08 1.78 -18.23
CA GLU A 458 -18.76 1.40 -18.73
C GLU A 458 -17.78 1.17 -17.57
N GLU A 459 -17.97 1.91 -16.49
CA GLU A 459 -17.16 1.76 -15.28
C GLU A 459 -17.52 0.53 -14.46
N GLU A 460 -18.80 0.14 -14.50
CA GLU A 460 -19.22 -1.12 -13.90
C GLU A 460 -18.60 -2.28 -14.67
N ALA A 461 -18.64 -2.21 -15.99
CA ALA A 461 -18.03 -3.25 -16.82
C ALA A 461 -16.52 -3.38 -16.55
N LEU A 462 -15.82 -2.26 -16.39
CA LEU A 462 -14.39 -2.28 -16.09
C LEU A 462 -14.10 -2.85 -14.70
N SER A 463 -14.91 -2.46 -13.72
CA SER A 463 -14.74 -2.97 -12.36
C SER A 463 -14.93 -4.49 -12.29
N ARG A 464 -15.97 -5.01 -12.94
CA ARG A 464 -16.20 -6.47 -13.00
C ARG A 464 -15.05 -7.19 -13.69
N ARG A 465 -14.57 -6.60 -14.78
CA ARG A 465 -13.45 -7.14 -15.52
C ARG A 465 -12.18 -7.19 -14.63
N ILE A 466 -11.95 -6.15 -13.84
CA ILE A 466 -10.79 -6.12 -12.93
C ILE A 466 -10.94 -7.10 -11.76
N MET A 467 -12.08 -7.08 -11.10
CA MET A 467 -12.36 -8.04 -10.03
C MET A 467 -12.15 -9.48 -10.49
N HIS A 468 -12.57 -9.79 -11.72
CA HIS A 468 -12.44 -11.15 -12.26
C HIS A 468 -11.00 -11.50 -12.54
N TYR A 469 -10.22 -10.54 -13.00
CA TYR A 469 -8.77 -10.74 -13.20
C TYR A 469 -8.09 -11.03 -11.86
N TRP A 470 -8.33 -10.15 -10.89
CA TRP A 470 -7.74 -10.27 -9.56
C TRP A 470 -8.08 -11.62 -8.91
N ALA A 471 -9.37 -11.93 -8.89
CA ALA A 471 -9.86 -13.14 -8.23
C ALA A 471 -9.43 -14.39 -8.96
N THR A 472 -9.57 -14.38 -10.29
CA THR A 472 -9.14 -15.52 -11.10
C THR A 472 -7.65 -15.77 -10.91
N PHE A 473 -6.86 -14.70 -10.86
CA PHE A 473 -5.43 -14.81 -10.62
C PHE A 473 -5.17 -15.39 -9.25
N ALA A 474 -5.90 -14.90 -8.25
CA ALA A 474 -5.78 -15.42 -6.88
C ALA A 474 -6.04 -16.92 -6.82
N LYS A 475 -6.99 -17.39 -7.63
CA LYS A 475 -7.37 -18.81 -7.68
C LYS A 475 -6.34 -19.69 -8.38
N THR A 476 -5.74 -19.17 -9.45
CA THR A 476 -5.01 -20.00 -10.41
C THR A 476 -3.59 -19.57 -10.71
N GLY A 477 -3.21 -18.34 -10.36
CA GLY A 477 -1.94 -17.76 -10.78
C GLY A 477 -1.98 -17.16 -12.18
N ASN A 478 -3.17 -17.03 -12.75
CA ASN A 478 -3.34 -16.48 -14.10
C ASN A 478 -4.65 -15.67 -14.13
N PRO A 479 -4.60 -14.38 -14.50
CA PRO A 479 -5.82 -13.57 -14.54
C PRO A 479 -6.83 -13.99 -15.63
N ASN A 480 -6.37 -14.76 -16.61
CA ASN A 480 -7.20 -15.17 -17.75
C ASN A 480 -8.03 -16.40 -17.47
N GLU A 481 -9.26 -16.41 -17.99
CA GLU A 481 -10.12 -17.60 -17.93
C GLU A 481 -9.60 -18.68 -18.89
N PRO A 482 -9.40 -19.91 -18.37
CA PRO A 482 -8.92 -21.03 -19.19
C PRO A 482 -9.55 -21.09 -20.59
N HIS A 483 -10.86 -20.91 -20.67
CA HIS A 483 -11.55 -20.84 -21.97
C HIS A 483 -12.43 -19.61 -22.01
N SER A 484 -12.08 -18.70 -22.92
CA SER A 484 -12.82 -17.46 -23.15
C SER A 484 -12.15 -16.78 -24.34
N GLN A 485 -12.72 -15.66 -24.80
CA GLN A 485 -12.06 -14.85 -25.83
C GLN A 485 -12.50 -13.39 -25.83
N GLU A 486 -11.90 -12.63 -24.92
CA GLU A 486 -11.97 -11.17 -24.96
C GLU A 486 -10.59 -10.63 -24.55
N SER A 487 -9.61 -10.93 -25.39
CA SER A 487 -8.20 -10.52 -25.24
C SER A 487 -7.55 -11.03 -23.96
N LYS A 488 -6.61 -11.96 -24.13
CA LYS A 488 -5.85 -12.47 -23.01
C LYS A 488 -4.83 -11.42 -22.55
N TRP A 489 -4.75 -11.26 -21.24
CA TRP A 489 -3.70 -10.50 -20.59
C TRP A 489 -2.42 -11.33 -20.72
N PRO A 490 -1.47 -10.87 -21.55
CA PRO A 490 -0.29 -11.70 -21.77
C PRO A 490 0.69 -11.63 -20.62
N LEU A 491 1.46 -12.70 -20.47
CA LEU A 491 2.48 -12.84 -19.45
C LEU A 491 3.60 -11.84 -19.71
N PHE A 492 4.15 -11.27 -18.64
CA PHE A 492 5.28 -10.36 -18.75
C PHE A 492 6.57 -11.17 -18.76
N THR A 493 7.36 -11.02 -19.82
CA THR A 493 8.68 -11.64 -19.90
C THR A 493 9.77 -10.57 -19.96
N THR A 494 10.97 -10.96 -19.55
CA THR A 494 12.18 -10.14 -19.69
C THR A 494 12.36 -9.65 -21.12
N LYS A 495 12.13 -10.56 -22.07
CA LYS A 495 12.36 -10.31 -23.48
C LYS A 495 11.34 -9.35 -24.11
N GLU A 496 10.05 -9.69 -23.99
CA GLU A 496 8.96 -8.96 -24.67
C GLU A 496 8.37 -7.82 -23.84
N GLN A 497 8.29 -8.02 -22.53
CA GLN A 497 7.89 -6.99 -21.59
C GLN A 497 6.49 -6.43 -21.82
N LYS A 498 5.56 -7.34 -22.10
CA LYS A 498 4.21 -6.96 -22.43
C LYS A 498 3.41 -6.62 -21.17
N PHE A 499 2.53 -5.63 -21.32
CA PHE A 499 1.56 -5.30 -20.27
C PHE A 499 0.25 -4.88 -20.93
N ILE A 500 -0.77 -4.65 -20.12
CA ILE A 500 -2.07 -4.21 -20.62
C ILE A 500 -2.53 -2.91 -19.98
N ASP A 501 -3.32 -2.15 -20.72
CA ASP A 501 -4.02 -1.01 -20.15
C ASP A 501 -5.25 -1.53 -19.44
N LEU A 502 -5.64 -0.82 -18.39
CA LEU A 502 -6.91 -1.06 -17.72
C LEU A 502 -7.74 0.21 -17.81
N ASN A 503 -8.67 0.23 -18.75
CA ASN A 503 -9.56 1.36 -18.93
C ASN A 503 -10.86 0.88 -19.59
N THR A 504 -11.75 1.81 -19.91
CA THR A 504 -13.04 1.46 -20.52
C THR A 504 -12.94 1.15 -22.02
N GLU A 505 -11.90 1.66 -22.69
CA GLU A 505 -11.68 1.42 -24.13
C GLU A 505 -11.33 -0.05 -24.37
N PRO A 506 -11.49 -0.54 -25.61
CA PRO A 506 -11.20 -1.97 -25.83
C PRO A 506 -9.73 -2.25 -25.56
N MET A 507 -9.46 -3.26 -24.74
CA MET A 507 -8.12 -3.50 -24.20
C MET A 507 -7.10 -3.81 -25.29
N LYS A 508 -6.06 -2.96 -25.35
CA LYS A 508 -4.90 -3.15 -26.22
C LYS A 508 -3.69 -3.57 -25.38
N VAL A 509 -2.67 -4.10 -26.07
CA VAL A 509 -1.44 -4.59 -25.44
C VAL A 509 -0.24 -3.74 -25.85
N HIS A 510 0.62 -3.44 -24.89
CA HIS A 510 1.78 -2.60 -25.12
C HIS A 510 3.04 -3.31 -24.63
N GLN A 511 4.18 -2.66 -24.80
CA GLN A 511 5.46 -3.18 -24.30
C GLN A 511 6.28 -2.09 -23.65
N ARG A 512 7.15 -2.49 -22.74
CA ARG A 512 8.21 -1.62 -22.21
C ARG A 512 7.66 -0.36 -21.55
N LEU A 513 6.90 -0.59 -20.48
CA LEU A 513 6.27 0.47 -19.73
C LEU A 513 7.30 1.53 -19.29
N ARG A 514 7.10 2.75 -19.80
CA ARG A 514 7.95 3.91 -19.56
C ARG A 514 9.43 3.59 -19.47
N VAL A 515 9.91 2.84 -20.44
CA VAL A 515 11.28 2.38 -20.44
C VAL A 515 12.29 3.54 -20.55
N GLN A 516 11.98 4.54 -21.38
CA GLN A 516 12.88 5.67 -21.60
C GLN A 516 13.21 6.39 -20.29
N MET A 517 12.17 6.73 -19.55
CA MET A 517 12.35 7.47 -18.32
C MET A 517 12.89 6.57 -17.22
N CYS A 518 12.49 5.31 -17.20
CA CYS A 518 12.94 4.41 -16.15
C CYS A 518 14.40 3.98 -16.31
N VAL A 519 14.89 3.94 -17.55
CA VAL A 519 16.34 3.82 -17.76
C VAL A 519 17.03 5.02 -17.11
N PHE A 520 16.46 6.21 -17.28
CA PHE A 520 16.99 7.39 -16.60
C PHE A 520 17.03 7.21 -15.05
N TRP A 521 15.91 6.82 -14.45
CA TRP A 521 15.84 6.72 -12.98
C TRP A 521 16.57 5.53 -12.37
N ASN A 522 16.62 4.40 -13.07
CA ASN A 522 17.21 3.16 -12.55
C ASN A 522 18.66 2.90 -12.93
N GLN A 523 19.09 3.41 -14.08
CA GLN A 523 20.47 3.17 -14.54
C GLN A 523 21.32 4.42 -14.47
N PHE A 524 20.88 5.49 -15.13
CA PHE A 524 21.73 6.65 -15.34
C PHE A 524 21.90 7.53 -14.10
N LEU A 525 20.80 7.98 -13.53
CA LEU A 525 20.87 8.95 -12.43
C LEU A 525 21.66 8.44 -11.20
N PRO A 526 21.39 7.21 -10.72
CA PRO A 526 22.19 6.71 -9.61
C PRO A 526 23.69 6.62 -9.89
N LYS A 527 24.04 6.35 -11.14
CA LYS A 527 25.44 6.30 -11.56
C LYS A 527 26.05 7.69 -11.62
N LEU A 528 25.23 8.68 -11.94
CA LEU A 528 25.66 10.08 -11.94
C LEU A 528 25.90 10.57 -10.51
N LEU A 529 24.94 10.29 -9.63
CA LEU A 529 25.05 10.67 -8.22
C LEU A 529 26.19 9.93 -7.51
N ASN A 530 26.41 8.66 -7.85
CA ASN A 530 27.53 7.87 -7.30
C ASN A 530 28.91 8.41 -7.71
N ALA A 531 29.03 8.99 -8.90
CA ALA A 531 30.33 9.44 -9.39
C ALA A 531 30.64 10.91 -9.13
N THR A 532 29.75 11.63 -8.43
CA THR A 532 29.92 13.06 -8.21
C THR A 532 30.14 13.39 -6.73
C1 NAG B . -22.89 -6.98 19.14
C2 NAG B . -23.69 -5.67 18.86
C3 NAG B . -25.05 -5.58 19.61
C4 NAG B . -25.71 -6.93 19.81
C5 NAG B . -24.69 -7.99 20.20
C6 NAG B . -25.29 -9.37 20.45
C7 NAG B . -23.07 -3.20 19.01
C8 NAG B . -24.42 -2.68 18.60
N2 NAG B . -22.81 -4.52 19.11
O3 NAG B . -25.99 -4.80 18.90
O4 NAG B . -26.72 -6.79 20.78
O5 NAG B . -23.80 -8.07 19.12
O6 NAG B . -24.53 -9.97 21.48
O7 NAG B . -22.18 -2.38 19.26
C1 NAG C . 5.90 -22.30 -13.26
C2 NAG C . 6.40 -22.26 -14.71
C3 NAG C . 6.23 -23.55 -15.52
C4 NAG C . 6.54 -24.80 -14.66
C5 NAG C . 5.77 -24.68 -13.33
C6 NAG C . 5.88 -25.93 -12.45
C7 NAG C . 6.38 -19.97 -15.55
C8 NAG C . 5.60 -18.94 -16.32
N2 NAG C . 5.79 -21.16 -15.44
O3 NAG C . 7.10 -23.49 -16.64
O4 NAG C . 6.24 -25.98 -15.37
O5 NAG C . 6.23 -23.53 -12.63
O6 NAG C . 6.97 -25.87 -11.56
O7 NAG C . 7.48 -19.67 -15.07
C1 PEG D . -2.98 4.61 0.42
O1 PEG D . -1.77 5.19 -0.11
C2 PEG D . -4.21 5.09 -0.34
O2 PEG D . -4.32 6.50 -0.19
C3 PEG D . -3.73 7.23 -1.26
C4 PEG D . -4.48 8.54 -1.42
O4 PEG D . -4.75 9.08 -0.13
C1 PEG E . 21.80 -4.22 5.44
O1 PEG E . 22.98 -3.66 4.86
C2 PEG E . 22.16 -5.09 6.64
O2 PEG E . 21.86 -4.38 7.84
C3 PEG E . 22.81 -4.61 8.88
C4 PEG E . 22.33 -3.97 10.18
O4 PEG E . 23.29 -2.99 10.63
N1 DME F . -2.92 12.45 0.57
C2 DME F . -1.70 13.06 1.14
C3 DME F . -0.52 12.87 0.20
C4 DME F . 0.65 13.77 0.62
C5 DME F . 1.45 13.16 1.76
C6 DME F . 1.89 14.26 2.71
C7 DME F . 0.75 14.65 3.64
C8 DME F . 0.94 16.06 4.17
C9 DME F . 0.65 16.14 5.67
C10 DME F . 1.92 16.40 6.46
C11 DME F . 2.29 17.88 6.41
N12 DME F . 2.90 18.27 7.70
C13 DME F . -4.24 13.04 0.89
C14 DME F . -2.88 11.32 -0.39
C15 DME F . -3.05 11.49 1.72
C16 DME F . 4.38 18.41 7.76
C17 DME F . 2.07 18.41 8.92
C18 DME F . 2.75 19.73 7.40
#